data_2G8H
#
_entry.id   2G8H
#
_cell.length_a   82.441
_cell.length_b   36.964
_cell.length_c   61.810
_cell.angle_alpha   90.00
_cell.angle_beta   96.38
_cell.angle_gamma   90.00
#
_symmetry.space_group_name_H-M   'C 1 2 1'
#
loop_
_entity.id
_entity.type
_entity.pdbx_description
1 polymer "5'-R(*UP*CP*GP*AP*CP*A)-3'"
2 polymer "5'-D(*AP*TP*GP*TP*CP*G)-3'"
3 polymer 'Ribonuclease H'
4 non-polymer 'MAGNESIUM ION'
5 non-polymer 'VANADATE ION'
6 water water
#
loop_
_entity_poly.entity_id
_entity_poly.type
_entity_poly.pdbx_seq_one_letter_code
_entity_poly.pdbx_strand_id
1 'polyribonucleotide' UCGACA B
2 'polydeoxyribonucleotide' (DA)(DT)(DG)(DT)(DC)(DG) C
3 'polypeptide(L)'
;GSHMAKEEIIWESLSVDVGSQGNPGIVEYKGVDTKTGEVLFEREPIPIGTNNMGEFLAIVHGLRYLKERNSRKPIYSDSQ
TAIKWVKDKKAKSTLVRNEETALIWKLVDEAEEWLNTHTYETPILKWQTDKWGEIKANYGRK
;
A
#
loop_
_chem_comp.id
_chem_comp.type
_chem_comp.name
_chem_comp.formula
A RNA linking ADENOSINE-5'-MONOPHOSPHATE 'C10 H14 N5 O7 P'
C RNA linking CYTIDINE-5'-MONOPHOSPHATE 'C9 H14 N3 O8 P'
DA DNA linking 2'-DEOXYADENOSINE-5'-MONOPHOSPHATE 'C10 H14 N5 O6 P'
DC DNA linking 2'-DEOXYCYTIDINE-5'-MONOPHOSPHATE 'C9 H14 N3 O7 P'
DG DNA linking 2'-DEOXYGUANOSINE-5'-MONOPHOSPHATE 'C10 H14 N5 O7 P'
DT DNA linking THYMIDINE-5'-MONOPHOSPHATE 'C10 H15 N2 O8 P'
G RNA linking GUANOSINE-5'-MONOPHOSPHATE 'C10 H14 N5 O8 P'
MG non-polymer 'MAGNESIUM ION' 'Mg 2'
U RNA linking URIDINE-5'-MONOPHOSPHATE 'C9 H13 N2 O9 P'
VO4 non-polymer 'VANADATE ION' 'O4 V -3'
#
# COMPACT_ATOMS: atom_id res chain seq x y z
N GLU C 7 -13.80 -18.12 -4.24
CA GLU C 7 -13.26 -17.45 -3.02
C GLU C 7 -14.10 -16.23 -2.63
N GLU C 8 -14.36 -16.10 -1.34
CA GLU C 8 -15.16 -14.99 -0.83
C GLU C 8 -14.32 -13.92 -0.15
N ILE C 9 -14.91 -12.74 0.00
CA ILE C 9 -14.24 -11.60 0.64
C ILE C 9 -14.04 -11.83 2.12
N ILE C 10 -12.83 -11.60 2.61
CA ILE C 10 -12.53 -11.74 4.03
C ILE C 10 -12.76 -10.35 4.60
N TRP C 11 -13.98 -10.12 5.08
CA TRP C 11 -14.36 -8.81 5.60
C TRP C 11 -13.53 -8.33 6.79
N GLU C 12 -13.04 -9.28 7.57
CA GLU C 12 -12.23 -8.96 8.74
C GLU C 12 -10.81 -8.75 8.21
N SER C 13 -10.60 -7.58 7.61
CA SER C 13 -9.29 -7.27 7.03
C SER C 13 -9.04 -5.78 6.85
N LEU C 14 -7.85 -5.46 6.35
CA LEU C 14 -7.45 -4.08 6.09
C LEU C 14 -7.27 -3.92 4.58
N SER C 15 -7.88 -2.88 4.01
CA SER C 15 -7.72 -2.63 2.58
C SER C 15 -6.92 -1.35 2.43
N VAL C 16 -5.95 -1.36 1.52
CA VAL C 16 -5.13 -0.18 1.29
C VAL C 16 -5.14 0.13 -0.20
N ASP C 17 -4.86 1.38 -0.55
CA ASP C 17 -4.82 1.76 -1.95
C ASP C 17 -4.10 3.09 -2.10
N VAL C 18 -3.59 3.32 -3.29
CA VAL C 18 -2.88 4.55 -3.59
C VAL C 18 -3.83 5.52 -4.29
N GLY C 19 -3.47 6.79 -4.28
CA GLY C 19 -4.26 7.81 -4.95
C GLY C 19 -3.24 8.78 -5.49
N SER C 20 -3.41 9.24 -6.73
CA SER C 20 -2.44 10.19 -7.26
C SER C 20 -3.03 11.17 -8.24
N GLN C 21 -2.25 12.22 -8.53
CA GLN C 21 -2.61 13.24 -9.48
C GLN C 21 -1.40 13.22 -10.43
N GLY C 22 -1.54 12.49 -11.52
CA GLY C 22 -0.45 12.37 -12.47
C GLY C 22 0.36 11.14 -12.08
N ASN C 23 1.10 10.58 -13.02
CA ASN C 23 1.92 9.42 -12.72
C ASN C 23 3.11 9.33 -13.67
N PRO C 24 4.31 9.65 -13.17
CA PRO C 24 4.52 10.08 -11.78
C PRO C 24 3.85 11.42 -11.46
N GLY C 25 3.51 11.61 -10.19
CA GLY C 25 2.86 12.83 -9.78
C GLY C 25 2.66 12.86 -8.27
N ILE C 26 1.64 13.58 -7.82
CA ILE C 26 1.37 13.67 -6.39
C ILE C 26 0.82 12.33 -5.92
N VAL C 27 1.46 11.73 -4.92
CA VAL C 27 1.05 10.44 -4.41
C VAL C 27 0.64 10.43 -2.94
N GLU C 28 -0.46 9.73 -2.66
CA GLU C 28 -0.96 9.57 -1.30
C GLU C 28 -1.56 8.17 -1.23
N TYR C 29 -1.91 7.73 -0.02
CA TYR C 29 -2.50 6.41 0.14
C TYR C 29 -3.17 6.35 1.49
N LYS C 30 -4.04 5.37 1.66
CA LYS C 30 -4.72 5.21 2.92
C LYS C 30 -5.08 3.75 3.13
N GLY C 31 -5.42 3.42 4.36
CA GLY C 31 -5.81 2.09 4.71
C GLY C 31 -7.15 2.19 5.39
N VAL C 32 -8.07 1.28 5.06
CA VAL C 32 -9.39 1.32 5.65
C VAL C 32 -9.86 -0.04 6.11
N ASP C 33 -10.82 -0.06 7.02
CA ASP C 33 -11.40 -1.30 7.49
C ASP C 33 -12.24 -1.77 6.31
N THR C 34 -11.97 -2.97 5.82
CA THR C 34 -12.70 -3.49 4.65
C THR C 34 -14.21 -3.58 4.85
N LYS C 35 -14.62 -3.88 6.07
CA LYS C 35 -16.03 -4.04 6.40
C LYS C 35 -16.81 -2.73 6.51
N THR C 36 -16.25 -1.76 7.21
CA THR C 36 -16.90 -0.47 7.43
C THR C 36 -16.46 0.69 6.53
N GLY C 37 -15.19 0.68 6.13
CA GLY C 37 -14.72 1.78 5.30
C GLY C 37 -14.06 2.84 6.17
N GLU C 38 -14.04 2.60 7.48
CA GLU C 38 -13.41 3.55 8.40
C GLU C 38 -11.95 3.70 8.01
N VAL C 39 -11.50 4.95 7.86
CA VAL C 39 -10.11 5.23 7.49
C VAL C 39 -9.20 5.10 8.71
N LEU C 40 -8.33 4.08 8.70
CA LEU C 40 -7.42 3.86 9.82
C LEU C 40 -6.15 4.70 9.74
N PHE C 41 -5.70 5.00 8.53
CA PHE C 41 -4.51 5.82 8.34
C PHE C 41 -4.48 6.38 6.92
N GLU C 42 -3.86 7.55 6.76
CA GLU C 42 -3.78 8.17 5.45
C GLU C 42 -2.51 9.00 5.35
N ARG C 43 -1.74 8.76 4.30
CA ARG C 43 -0.50 9.46 4.10
C ARG C 43 -0.67 10.88 3.54
N GLU C 44 0.18 11.77 4.02
CA GLU C 44 0.18 13.17 3.58
C GLU C 44 0.67 13.17 2.13
N PRO C 45 -0.07 13.82 1.22
CA PRO C 45 0.35 13.87 -0.19
C PRO C 45 1.85 14.06 -0.37
N ILE C 46 2.43 13.24 -1.24
CA ILE C 46 3.84 13.29 -1.55
C ILE C 46 3.94 13.96 -2.92
N PRO C 47 4.65 15.10 -3.01
CA PRO C 47 4.83 15.85 -4.26
C PRO C 47 5.08 15.04 -5.53
N ILE C 48 5.99 14.08 -5.46
CA ILE C 48 6.30 13.28 -6.64
C ILE C 48 6.63 11.81 -6.33
N GLY C 49 5.97 10.91 -7.07
CA GLY C 49 6.19 9.49 -6.91
C GLY C 49 5.36 8.73 -7.92
N THR C 50 5.54 7.41 -7.99
CA THR C 50 4.78 6.61 -8.94
C THR C 50 3.63 5.88 -8.24
N ASN C 51 2.72 5.37 -9.05
CA ASN C 51 1.57 4.63 -8.54
C ASN C 51 2.02 3.41 -7.78
N ASN C 52 2.93 2.64 -8.37
CA ASN C 52 3.42 1.42 -7.75
C ASN C 52 4.19 1.67 -6.45
N MET C 53 4.90 2.78 -6.34
CA MET C 53 5.62 3.11 -5.12
C MET C 53 4.57 3.35 -4.02
N GLY C 54 3.53 4.10 -4.37
CA GLY C 54 2.48 4.40 -3.41
C GLY C 54 1.75 3.15 -2.97
N GLU C 55 1.45 2.26 -3.92
CA GLU C 55 0.77 1.01 -3.62
C GLU C 55 1.65 0.19 -2.67
N PHE C 56 2.95 0.23 -2.92
CA PHE C 56 3.93 -0.48 -2.09
C PHE C 56 3.98 0.09 -0.68
N LEU C 57 4.09 1.42 -0.58
CA LEU C 57 4.15 2.06 0.72
C LEU C 57 2.87 1.79 1.53
N ALA C 58 1.74 1.72 0.83
CA ALA C 58 0.46 1.47 1.48
C ALA C 58 0.41 0.10 2.17
N ILE C 59 0.94 -0.92 1.51
CA ILE C 59 0.95 -2.25 2.13
C ILE C 59 1.89 -2.28 3.34
N VAL C 60 3.11 -1.77 3.17
CA VAL C 60 4.07 -1.77 4.29
C VAL C 60 3.53 -1.00 5.48
N HIS C 61 2.85 0.11 5.22
CA HIS C 61 2.28 0.91 6.29
C HIS C 61 1.20 0.06 7.00
N GLY C 62 0.45 -0.71 6.23
CA GLY C 62 -0.58 -1.55 6.82
C GLY C 62 0.05 -2.66 7.65
N LEU C 63 1.18 -3.19 7.18
CA LEU C 63 1.88 -4.25 7.91
C LEU C 63 2.29 -3.74 9.29
N ARG C 64 2.90 -2.55 9.33
CA ARG C 64 3.33 -2.00 10.60
C ARG C 64 2.13 -1.61 11.45
N TYR C 65 1.07 -1.12 10.82
CA TYR C 65 -0.13 -0.73 11.56
C TYR C 65 -0.70 -1.95 12.31
N LEU C 66 -0.84 -3.06 11.59
CA LEU C 66 -1.38 -4.28 12.17
C LEU C 66 -0.45 -4.89 13.21
N LYS C 67 0.84 -4.93 12.91
CA LYS C 67 1.79 -5.51 13.85
C LYS C 67 1.87 -4.77 15.19
N GLU C 68 1.79 -3.45 15.16
CA GLU C 68 1.86 -2.70 16.41
C GLU C 68 0.64 -3.01 17.28
N ARG C 69 -0.46 -3.39 16.64
CA ARG C 69 -1.68 -3.72 17.36
C ARG C 69 -1.88 -5.20 17.57
N ASN C 70 -0.87 -6.00 17.24
CA ASN C 70 -0.94 -7.45 17.39
C ASN C 70 -2.11 -8.06 16.65
N SER C 71 -2.44 -7.49 15.50
CA SER C 71 -3.54 -7.98 14.69
C SER C 71 -3.07 -8.97 13.64
N ARG C 72 -3.78 -10.08 13.49
CA ARG C 72 -3.43 -11.10 12.50
C ARG C 72 -4.29 -10.97 11.24
N LYS C 73 -5.04 -9.87 11.13
CA LYS C 73 -5.89 -9.66 9.96
C LYS C 73 -5.07 -9.54 8.68
N PRO C 74 -5.62 -10.01 7.55
CA PRO C 74 -4.88 -9.90 6.29
C PRO C 74 -5.04 -8.51 5.70
N ILE C 75 -4.22 -8.22 4.70
CA ILE C 75 -4.27 -6.94 3.99
C ILE C 75 -4.68 -7.19 2.53
N TYR C 76 -5.60 -6.37 2.04
CA TYR C 76 -6.02 -6.46 0.64
C TYR C 76 -5.39 -5.29 -0.12
N SER C 77 -4.89 -5.58 -1.32
CA SER C 77 -4.31 -4.58 -2.19
C SER C 77 -4.71 -5.03 -3.59
N ASP C 78 -4.93 -4.09 -4.50
CA ASP C 78 -5.30 -4.45 -5.87
C ASP C 78 -4.09 -4.38 -6.80
N SER C 79 -2.91 -4.16 -6.21
CA SER C 79 -1.67 -4.02 -6.98
C SER C 79 -0.80 -5.26 -7.05
N GLN C 80 -0.80 -5.94 -8.19
CA GLN C 80 0.02 -7.14 -8.37
C GLN C 80 1.49 -6.78 -8.15
N THR C 81 1.88 -5.61 -8.63
CA THR C 81 3.25 -5.15 -8.50
C THR C 81 3.67 -4.92 -7.04
N ALA C 82 2.86 -4.17 -6.29
CA ALA C 82 3.20 -3.88 -4.90
C ALA C 82 3.22 -5.15 -4.06
N ILE C 83 2.31 -6.07 -4.35
CA ILE C 83 2.23 -7.34 -3.62
C ILE C 83 3.53 -8.14 -3.81
N LYS C 84 4.02 -8.17 -5.05
CA LYS C 84 5.26 -8.88 -5.35
C LYS C 84 6.45 -8.18 -4.70
N TRP C 85 6.47 -6.84 -4.76
CA TRP C 85 7.56 -6.09 -4.15
C TRP C 85 7.63 -6.37 -2.66
N VAL C 86 6.48 -6.43 -1.99
CA VAL C 86 6.47 -6.71 -0.57
C VAL C 86 6.95 -8.13 -0.32
N LYS C 87 6.49 -9.06 -1.15
CA LYS C 87 6.90 -10.46 -1.01
C LYS C 87 8.43 -10.59 -1.13
N ASP C 88 9.03 -9.89 -2.09
CA ASP C 88 10.47 -9.95 -2.29
C ASP C 88 11.19 -8.98 -1.33
N LYS C 89 10.40 -8.21 -0.58
CA LYS C 89 10.95 -7.22 0.34
C LYS C 89 11.88 -6.29 -0.44
N LYS C 90 11.49 -5.99 -1.68
CA LYS C 90 12.29 -5.13 -2.54
C LYS C 90 11.41 -4.42 -3.58
N ALA C 91 11.44 -3.10 -3.57
CA ALA C 91 10.65 -2.28 -4.50
C ALA C 91 11.46 -1.94 -5.76
N LYS C 92 11.15 -2.60 -6.87
CA LYS C 92 11.85 -2.37 -8.14
C LYS C 92 11.30 -1.22 -8.98
N SER C 93 11.27 -0.02 -8.40
CA SER C 93 10.77 1.15 -9.11
C SER C 93 11.82 1.71 -10.08
N THR C 94 11.33 2.26 -11.20
CA THR C 94 12.20 2.83 -12.22
C THR C 94 12.27 4.33 -12.07
N LEU C 95 11.52 4.87 -11.12
CA LEU C 95 11.53 6.30 -10.92
C LEU C 95 12.97 6.77 -10.76
N VAL C 96 13.35 7.75 -11.58
CA VAL C 96 14.71 8.27 -11.53
C VAL C 96 15.03 8.84 -10.15
N ARG C 97 16.19 8.43 -9.62
CA ARG C 97 16.64 8.91 -8.32
C ARG C 97 17.33 10.26 -8.50
N ASN C 98 16.69 11.31 -7.99
CA ASN C 98 17.27 12.65 -8.07
C ASN C 98 16.66 13.52 -6.98
N GLU C 99 17.14 14.75 -6.89
CA GLU C 99 16.67 15.69 -5.88
C GLU C 99 15.15 15.85 -5.85
N GLU C 100 14.51 15.75 -7.01
CA GLU C 100 13.05 15.90 -7.09
C GLU C 100 12.28 14.75 -6.45
N THR C 101 12.79 13.53 -6.61
CA THR C 101 12.11 12.36 -6.09
C THR C 101 12.73 11.81 -4.81
N ALA C 102 13.30 12.71 -4.00
CA ALA C 102 13.95 12.33 -2.75
C ALA C 102 13.02 11.84 -1.65
N LEU C 103 11.94 12.58 -1.41
CA LEU C 103 10.98 12.22 -0.37
C LEU C 103 10.35 10.85 -0.58
N ILE C 104 9.89 10.58 -1.79
CA ILE C 104 9.26 9.30 -2.09
C ILE C 104 10.27 8.16 -1.98
N TRP C 105 11.45 8.36 -2.55
CA TRP C 105 12.49 7.33 -2.50
C TRP C 105 12.96 7.05 -1.07
N LYS C 106 12.94 8.08 -0.23
CA LYS C 106 13.37 7.91 1.16
C LYS C 106 12.35 7.03 1.89
N LEU C 107 11.07 7.34 1.71
CA LEU C 107 10.00 6.58 2.34
C LEU C 107 10.06 5.14 1.83
N VAL C 108 10.31 4.98 0.53
CA VAL C 108 10.40 3.66 -0.08
C VAL C 108 11.60 2.89 0.50
N ASP C 109 12.73 3.57 0.68
CA ASP C 109 13.90 2.90 1.23
C ASP C 109 13.65 2.50 2.68
N GLU C 110 12.98 3.37 3.43
CA GLU C 110 12.70 3.09 4.83
C GLU C 110 11.68 1.96 4.93
N ALA C 111 10.71 1.93 4.02
CA ALA C 111 9.71 0.88 4.02
C ALA C 111 10.42 -0.45 3.82
N GLU C 112 11.33 -0.50 2.85
CA GLU C 112 12.09 -1.71 2.59
C GLU C 112 12.87 -2.11 3.83
N GLU C 113 13.48 -1.12 4.47
CA GLU C 113 14.27 -1.37 5.67
C GLU C 113 13.41 -1.99 6.77
N TRP C 114 12.19 -1.50 6.92
CA TRP C 114 11.28 -2.01 7.93
C TRP C 114 10.98 -3.48 7.66
N LEU C 115 10.78 -3.81 6.38
CA LEU C 115 10.48 -5.18 5.97
C LEU C 115 11.66 -6.10 6.27
N ASN C 116 12.86 -5.54 6.19
CA ASN C 116 14.07 -6.32 6.44
C ASN C 116 14.53 -6.29 7.89
N THR C 117 13.72 -5.71 8.77
CA THR C 117 14.06 -5.64 10.19
C THR C 117 12.93 -6.14 11.07
N HIS C 118 11.84 -6.61 10.46
CA HIS C 118 10.70 -7.11 11.23
C HIS C 118 10.11 -8.39 10.67
N THR C 119 9.43 -9.14 11.54
CA THR C 119 8.77 -10.38 11.15
C THR C 119 7.27 -10.17 11.15
N TYR C 120 6.54 -10.97 10.38
CA TYR C 120 5.10 -10.88 10.31
C TYR C 120 4.52 -12.03 9.49
N GLU C 121 3.30 -12.44 9.83
CA GLU C 121 2.65 -13.53 9.13
C GLU C 121 1.44 -13.02 8.34
N THR C 122 1.27 -11.70 8.33
CA THR C 122 0.14 -11.08 7.63
C THR C 122 -0.07 -11.55 6.19
N PRO C 123 -1.22 -12.18 5.89
CA PRO C 123 -1.42 -12.60 4.50
C PRO C 123 -1.68 -11.35 3.65
N ILE C 124 -0.98 -11.22 2.53
CA ILE C 124 -1.16 -10.07 1.65
C ILE C 124 -1.94 -10.61 0.45
N LEU C 125 -3.22 -10.26 0.41
CA LEU C 125 -4.15 -10.74 -0.60
C LEU C 125 -4.50 -9.80 -1.73
N LYS C 126 -4.72 -10.38 -2.91
CA LYS C 126 -5.08 -9.60 -4.08
C LYS C 126 -6.58 -9.35 -4.09
N TRP C 127 -6.97 -8.08 -4.11
CA TRP C 127 -8.39 -7.73 -4.15
C TRP C 127 -8.86 -7.98 -5.58
N GLN C 128 -9.80 -8.90 -5.74
CA GLN C 128 -10.34 -9.25 -7.05
C GLN C 128 -11.34 -8.22 -7.54
N THR C 129 -10.83 -7.11 -8.05
CA THR C 129 -11.62 -5.99 -8.55
C THR C 129 -12.66 -6.33 -9.61
N ASP C 130 -12.33 -7.26 -10.50
CA ASP C 130 -13.24 -7.65 -11.56
C ASP C 130 -14.46 -8.40 -11.05
N LYS C 131 -14.37 -8.96 -9.85
CA LYS C 131 -15.49 -9.71 -9.29
C LYS C 131 -16.19 -8.95 -8.17
N TRP C 132 -15.40 -8.23 -7.35
CA TRP C 132 -15.97 -7.52 -6.22
C TRP C 132 -16.10 -6.02 -6.36
N GLY C 133 -15.63 -5.48 -7.48
CA GLY C 133 -15.71 -4.04 -7.66
C GLY C 133 -14.51 -3.34 -7.04
N GLU C 134 -14.54 -2.02 -7.05
CA GLU C 134 -13.46 -1.20 -6.52
C GLU C 134 -13.06 -1.52 -5.08
N ILE C 135 -11.75 -1.51 -4.82
CA ILE C 135 -11.26 -1.79 -3.48
C ILE C 135 -11.81 -0.69 -2.56
N LYS C 136 -12.10 -1.04 -1.31
CA LYS C 136 -12.67 -0.10 -0.35
C LYS C 136 -11.86 1.15 -0.01
N ALA C 137 -10.56 1.12 -0.26
CA ALA C 137 -9.70 2.28 0.04
C ALA C 137 -9.41 3.12 -1.19
N ASN C 138 -10.09 2.82 -2.29
CA ASN C 138 -9.86 3.52 -3.57
C ASN C 138 -10.07 5.03 -3.59
N TYR C 139 -9.31 5.70 -4.47
CA TYR C 139 -9.41 7.13 -4.65
C TYR C 139 -9.98 7.38 -6.05
N GLY C 140 -9.21 6.97 -7.05
CA GLY C 140 -9.57 7.14 -8.45
C GLY C 140 -10.97 6.80 -8.92
N ARG C 141 -11.32 7.33 -10.08
CA ARG C 141 -12.63 7.11 -10.70
C ARG C 141 -12.79 5.63 -11.09
N LYS C 142 -14.03 5.16 -11.08
CA LYS C 142 -14.33 3.77 -11.44
C LYS C 142 -14.03 3.55 -12.93
MG MG D . -4.79 0.42 -6.49
MG MG E . -7.19 2.85 -6.79
V VO4 F . 8.29 0.07 14.91
O1 VO4 F . 7.09 1.04 15.60
O2 VO4 F . 9.28 0.92 13.81
O3 VO4 F . 7.32 -1.18 14.22
O4 VO4 F . 9.27 -1.09 15.73
V VO4 G . 6.27 -2.13 15.21
O1 VO4 G . 5.50 -3.23 14.19
O2 VO4 G . 4.89 -1.54 16.01
O3 VO4 G . 7.42 -2.96 16.18
V VO4 H . 8.76 -2.18 16.94
O1 VO4 H . 8.72 -1.03 18.23
O2 VO4 H . 9.72 -3.58 17.12
V VO4 I . 5.59 0.82 16.36
O1 VO4 I . 4.25 1.54 15.58
O2 VO4 I . 5.46 -0.05 17.82
V VO4 J . 5.97 -1.58 18.41
O1 VO4 J . 5.62 -3.15 17.85
O2 VO4 J . 6.95 -1.81 19.79
V VO4 K . 8.41 0.63 17.93
O1 VO4 K . 9.52 1.34 16.84
O2 VO4 K . 7.18 1.53 18.65
#